data_9B3E
#
_entry.id   9B3E
#
_cell.length_a   58.910
_cell.length_b   81.500
_cell.length_c   109.880
_cell.angle_alpha   90.000
_cell.angle_beta   90.000
_cell.angle_gamma   90.000
#
_symmetry.space_group_name_H-M   'P 21 21 21'
#
loop_
_entity.id
_entity.type
_entity.pdbx_description
1 polymer 'surface lipoprotein, PmSLP-1'
2 non-polymer 'SELENIUM ATOM'
3 water water
#
_entity_poly.entity_id   1
_entity_poly.type   'polypeptide(L)'
_entity_poly.pdbx_seq_one_letter_code
;(MSE)TSTNPVKDSYNKDAVFTYELIANPDADYSDQKLILKKEISYIKLNLGINQDNKNAPSYIFNLLDDNVYYGFYRDT
QD(MSE)NRIENKYTYAFKKEAENFDNLQKFNATYEGQFWFSSIDTPNVPTVARAFLTYNNGRVDGEILAKHWNEKLFQI
TGFDNNPRKVEIFPTVEYLPNSGTRLTKGATSPHRFQ(MSE)DLHFINSTNGEKNKYLVGQGSTEQYWGVLG(MSE)AAA
QELALVPRGSSAHHHHHHHHHH
;
_entity_poly.pdbx_strand_id   A,B
#
# COMPACT_ATOMS: atom_id res chain seq x y z
N SER A 10 5.27 3.81 -38.49
CA SER A 10 4.63 4.87 -37.70
C SER A 10 5.23 4.98 -36.28
N TYR A 11 6.34 4.27 -36.04
CA TYR A 11 7.15 4.51 -34.85
C TYR A 11 7.97 5.78 -35.01
N ASN A 12 8.00 6.59 -33.96
CA ASN A 12 8.78 7.83 -34.02
C ASN A 12 9.07 8.28 -32.58
N LYS A 13 10.26 7.97 -32.08
CA LYS A 13 10.61 8.48 -30.77
C LYS A 13 10.98 9.97 -30.81
N ASP A 14 10.93 10.57 -31.98
CA ASP A 14 11.14 12.00 -32.13
C ASP A 14 9.84 12.79 -32.07
N ALA A 15 8.70 12.12 -32.02
CA ALA A 15 7.42 12.81 -31.98
C ALA A 15 6.42 11.90 -31.29
N VAL A 16 6.54 11.76 -29.96
CA VAL A 16 5.72 10.84 -29.17
C VAL A 16 4.44 11.54 -28.76
N PHE A 17 3.30 10.89 -28.98
CA PHE A 17 2.03 11.53 -28.67
C PHE A 17 1.82 11.73 -27.17
N THR A 18 1.39 12.92 -26.78
CA THR A 18 0.88 13.16 -25.42
C THR A 18 -0.20 14.21 -25.50
N TYR A 19 -0.83 14.44 -24.35
CA TYR A 19 -1.83 15.46 -24.15
C TYR A 19 -1.27 16.50 -23.18
N GLU A 20 -1.43 17.76 -23.50
CA GLU A 20 -1.32 18.80 -22.49
C GLU A 20 -2.71 18.99 -21.90
N LEU A 21 -2.86 18.86 -20.59
CA LEU A 21 -4.16 19.05 -19.94
C LEU A 21 -4.14 20.40 -19.22
N ILE A 22 -4.89 21.36 -19.73
CA ILE A 22 -4.85 22.73 -19.23
C ILE A 22 -5.96 22.92 -18.21
N ALA A 23 -5.55 23.20 -16.97
CA ALA A 23 -6.51 23.45 -15.90
C ALA A 23 -7.37 24.66 -16.24
N ASN A 24 -8.65 24.56 -15.89
CA ASN A 24 -9.58 25.66 -16.09
C ASN A 24 -9.52 26.56 -14.86
N PRO A 25 -8.90 27.75 -14.94
CA PRO A 25 -8.88 28.64 -13.76
C PRO A 25 -10.26 28.96 -13.23
N ASP A 26 -11.21 29.28 -14.10
CA ASP A 26 -12.56 29.66 -13.67
C ASP A 26 -13.32 28.51 -13.00
N ALA A 27 -12.76 27.29 -12.99
CA ALA A 27 -13.36 26.22 -12.21
C ALA A 27 -13.13 26.41 -10.72
N ASP A 28 -12.18 27.28 -10.34
CA ASP A 28 -11.97 27.66 -8.94
C ASP A 28 -13.20 28.30 -8.31
N TYR A 29 -14.08 28.91 -9.10
CA TYR A 29 -15.22 29.65 -8.56
C TYR A 29 -16.54 29.34 -9.26
N SER A 30 -16.61 28.24 -10.03
CA SER A 30 -17.85 27.87 -10.70
C SER A 30 -17.84 26.36 -10.94
N ASP A 31 -18.96 25.86 -11.48
CA ASP A 31 -19.18 24.43 -11.69
C ASP A 31 -18.69 23.94 -13.06
N GLN A 32 -17.74 24.63 -13.67
CA GLN A 32 -17.18 24.22 -14.95
C GLN A 32 -16.19 23.07 -14.76
N LYS A 33 -15.94 22.34 -15.85
CA LYS A 33 -14.95 21.28 -15.84
C LYS A 33 -13.61 21.78 -15.28
N LEU A 34 -12.90 20.89 -14.57
CA LEU A 34 -11.59 21.22 -14.03
C LEU A 34 -10.55 21.45 -15.13
N ILE A 35 -10.73 20.83 -16.30
CA ILE A 35 -9.78 20.93 -17.38
C ILE A 35 -10.40 21.73 -18.50
N LEU A 36 -9.73 22.80 -18.87
CA LEU A 36 -10.25 23.73 -19.88
C LEU A 36 -10.07 23.18 -21.29
N LYS A 37 -8.90 22.63 -21.59
CA LYS A 37 -8.70 22.09 -22.92
C LYS A 37 -7.75 20.90 -22.89
N LYS A 38 -7.87 20.07 -23.91
CA LYS A 38 -7.02 18.93 -24.15
C LYS A 38 -6.30 19.20 -25.47
N GLU A 39 -4.98 19.33 -25.42
CA GLU A 39 -4.19 19.71 -26.59
C GLU A 39 -3.11 18.68 -26.84
N ILE A 40 -2.96 18.25 -28.10
CA ILE A 40 -1.95 17.25 -28.44
C ILE A 40 -0.57 17.91 -28.39
N SER A 41 0.43 17.13 -27.99
CA SER A 41 1.77 17.71 -27.80
C SER A 41 2.77 16.60 -28.05
N TYR A 42 3.57 16.72 -29.11
CA TYR A 42 4.52 15.66 -29.45
C TYR A 42 5.87 15.92 -28.78
N ILE A 43 6.37 14.91 -28.10
CA ILE A 43 7.62 14.97 -27.35
C ILE A 43 8.72 14.30 -28.15
N LYS A 44 9.90 14.89 -28.13
CA LYS A 44 11.10 14.25 -28.69
C LYS A 44 11.87 13.64 -27.53
N LEU A 45 12.10 12.32 -27.58
CA LEU A 45 12.66 11.61 -26.43
C LEU A 45 14.18 11.57 -26.49
N ASN A 46 14.82 11.72 -25.34
CA ASN A 46 16.22 11.40 -25.17
C ASN A 46 16.34 10.00 -24.56
N LEU A 47 17.56 9.47 -24.55
CA LEU A 47 17.76 8.17 -23.93
C LEU A 47 17.49 8.27 -22.43
N GLY A 48 16.86 7.25 -21.87
CA GLY A 48 16.57 7.26 -20.46
C GLY A 48 15.24 7.89 -20.13
N ILE A 49 15.14 8.52 -18.97
CA ILE A 49 13.88 9.01 -18.44
C ILE A 49 13.56 10.39 -19.03
N ASN A 50 12.36 10.55 -19.56
CA ASN A 50 11.91 11.83 -20.10
C ASN A 50 10.65 12.26 -19.38
N GLN A 51 10.66 13.47 -18.82
CA GLN A 51 9.46 14.06 -18.25
C GLN A 51 9.60 15.57 -18.27
N ASP A 52 8.47 16.26 -18.22
CA ASP A 52 8.53 17.72 -18.33
C ASP A 52 8.68 18.42 -16.98
N ASN A 53 8.13 17.82 -15.93
CA ASN A 53 8.21 18.34 -14.57
C ASN A 53 8.54 17.16 -13.66
N LYS A 54 9.39 17.39 -12.67
CA LYS A 54 9.78 16.30 -11.78
C LYS A 54 8.69 15.97 -10.77
N ASN A 55 7.85 16.94 -10.39
CA ASN A 55 6.87 16.73 -9.32
C ASN A 55 5.43 16.65 -9.80
N ALA A 56 5.10 17.23 -10.95
CA ALA A 56 3.76 17.14 -11.53
C ALA A 56 3.86 16.86 -13.03
N PRO A 57 4.45 15.72 -13.41
CA PRO A 57 4.73 15.50 -14.83
C PRO A 57 3.47 15.26 -15.62
N SER A 58 3.43 15.80 -16.84
CA SER A 58 2.36 15.44 -17.76
C SER A 58 2.54 14.05 -18.34
N TYR A 59 3.80 13.59 -18.40
CA TYR A 59 4.17 12.30 -18.98
C TYR A 59 5.50 11.88 -18.36
N ILE A 60 5.73 10.58 -18.34
CA ILE A 60 7.06 10.03 -18.15
C ILE A 60 7.28 8.95 -19.20
N PHE A 61 8.39 9.03 -19.94
CA PHE A 61 8.77 7.99 -20.89
C PHE A 61 10.20 7.55 -20.67
N ASN A 62 10.43 6.25 -20.76
CA ASN A 62 11.75 5.64 -20.64
C ASN A 62 12.15 5.14 -22.04
N LEU A 63 13.05 5.86 -22.70
CA LEU A 63 13.63 5.39 -23.95
C LEU A 63 14.80 4.47 -23.60
N LEU A 64 14.58 3.17 -23.65
CA LEU A 64 15.62 2.20 -23.35
C LEU A 64 16.68 2.18 -24.43
N ASP A 65 16.30 2.55 -25.64
CA ASP A 65 17.09 2.40 -26.85
C ASP A 65 16.36 3.19 -27.91
N ASP A 66 17.08 3.58 -28.97
CA ASP A 66 16.43 4.34 -30.02
C ASP A 66 15.25 3.56 -30.61
N ASN A 67 15.27 2.23 -30.48
CA ASN A 67 14.24 1.37 -31.07
C ASN A 67 13.02 1.12 -30.18
N VAL A 68 12.99 1.55 -28.91
CA VAL A 68 11.87 1.20 -28.03
C VAL A 68 11.80 2.10 -26.80
N TYR A 69 10.58 2.55 -26.49
CA TYR A 69 10.31 3.28 -25.26
C TYR A 69 9.05 2.73 -24.59
N TYR A 70 8.89 3.05 -23.32
CA TYR A 70 7.61 2.80 -22.65
C TYR A 70 7.36 3.95 -21.68
N GLY A 71 6.12 4.09 -21.25
CA GLY A 71 5.85 5.16 -20.30
C GLY A 71 4.36 5.43 -20.18
N PHE A 72 4.04 6.67 -19.85
CA PHE A 72 2.64 7.03 -19.77
C PHE A 72 2.49 8.52 -20.07
N TYR A 73 1.29 8.89 -20.50
CA TYR A 73 0.85 10.28 -20.52
C TYR A 73 -0.51 10.37 -19.81
N ARG A 74 -0.87 11.58 -19.40
CA ARG A 74 -2.12 11.77 -18.68
C ARG A 74 -3.27 12.07 -19.63
N ASP A 75 -4.43 11.48 -19.33
CA ASP A 75 -5.62 11.67 -20.15
C ASP A 75 -6.82 11.89 -19.24
N THR A 76 -7.92 12.32 -19.85
CA THR A 76 -9.18 12.48 -19.14
C THR A 76 -10.31 12.25 -20.15
N GLN A 77 -11.31 11.48 -19.74
CA GLN A 77 -12.46 11.30 -20.60
C GLN A 77 -13.54 12.34 -20.34
N ASP A 78 -13.68 12.84 -19.10
CA ASP A 78 -14.77 13.72 -18.74
C ASP A 78 -14.31 15.14 -18.40
N ASN A 80 -12.61 16.11 -16.01
CA ASN A 80 -12.59 16.29 -14.56
C ASN A 80 -11.61 15.30 -13.94
N ARG A 81 -11.77 14.01 -14.25
CA ARG A 81 -10.99 12.93 -13.68
C ARG A 81 -9.81 12.59 -14.59
N ILE A 82 -8.61 12.54 -14.02
CA ILE A 82 -7.38 12.31 -14.78
C ILE A 82 -6.89 10.90 -14.50
N GLU A 83 -6.46 10.20 -15.56
CA GLU A 83 -5.89 8.87 -15.38
C GLU A 83 -4.65 8.73 -16.24
N ASN A 84 -3.70 7.95 -15.73
CA ASN A 84 -2.49 7.64 -16.49
C ASN A 84 -2.81 6.64 -17.59
N LYS A 85 -2.30 6.89 -18.80
CA LYS A 85 -2.46 6.00 -19.95
C LYS A 85 -1.09 5.41 -20.26
N TYR A 86 -0.87 4.15 -19.89
CA TYR A 86 0.43 3.53 -20.13
C TYR A 86 0.50 3.02 -21.56
N THR A 87 1.71 3.08 -22.12
CA THR A 87 1.89 2.66 -23.48
C THR A 87 3.37 2.33 -23.70
N TYR A 88 3.67 1.84 -24.89
CA TYR A 88 5.03 1.56 -25.33
C TYR A 88 4.99 1.56 -26.84
N ALA A 89 6.17 1.72 -27.45
CA ALA A 89 6.26 1.67 -28.89
C ALA A 89 7.66 1.22 -29.27
N PHE A 90 7.77 0.61 -30.44
CA PHE A 90 9.06 0.12 -30.89
C PHE A 90 9.12 0.17 -32.41
N LYS A 91 10.33 0.40 -32.91
CA LYS A 91 10.57 0.32 -34.34
C LYS A 91 10.21 -1.08 -34.83
N LYS A 92 9.32 -1.12 -35.83
CA LYS A 92 8.81 -2.39 -36.32
C LYS A 92 9.92 -3.30 -36.79
N GLU A 93 10.89 -2.76 -37.53
CA GLU A 93 11.95 -3.59 -38.09
C GLU A 93 12.85 -4.16 -37.01
N ALA A 94 12.88 -3.53 -35.83
CA ALA A 94 13.74 -3.96 -34.75
C ALA A 94 13.16 -5.12 -33.95
N GLU A 95 11.91 -5.50 -34.20
CA GLU A 95 11.32 -6.61 -33.46
C GLU A 95 11.94 -7.92 -33.91
N ASN A 96 12.19 -8.79 -32.95
CA ASN A 96 12.80 -10.08 -33.20
C ASN A 96 11.73 -11.15 -33.24
N PHE A 97 11.69 -11.92 -34.33
CA PHE A 97 10.68 -12.94 -34.52
C PHE A 97 11.25 -14.35 -34.47
N ASP A 98 12.46 -14.49 -33.91
CA ASP A 98 13.09 -15.79 -33.81
C ASP A 98 12.22 -16.76 -33.02
N ASN A 99 12.52 -18.04 -33.20
CA ASN A 99 11.93 -19.09 -32.38
C ASN A 99 12.60 -19.05 -31.02
N LEU A 100 11.83 -18.73 -29.98
CA LEU A 100 12.36 -18.63 -28.63
C LEU A 100 11.82 -19.76 -27.76
N GLN A 101 11.59 -20.95 -28.34
CA GLN A 101 11.03 -22.05 -27.57
C GLN A 101 12.06 -22.69 -26.65
N LYS A 102 13.35 -22.60 -26.98
CA LYS A 102 14.40 -23.06 -26.07
C LYS A 102 15.27 -21.89 -25.60
N PHE A 103 14.69 -20.70 -25.50
CA PHE A 103 15.42 -19.48 -25.14
C PHE A 103 15.96 -19.56 -23.72
N ASN A 104 17.20 -19.09 -23.53
CA ASN A 104 17.83 -18.99 -22.22
C ASN A 104 18.28 -17.55 -22.02
N ALA A 105 17.68 -16.85 -21.07
CA ALA A 105 17.98 -15.44 -20.87
C ALA A 105 17.30 -14.99 -19.58
N THR A 106 17.80 -13.89 -19.03
CA THR A 106 17.15 -13.28 -17.89
C THR A 106 17.00 -11.79 -18.14
N TYR A 107 15.86 -11.24 -17.73
CA TYR A 107 15.54 -9.84 -17.95
C TYR A 107 15.33 -9.15 -16.62
N GLU A 108 15.65 -7.86 -16.59
CA GLU A 108 15.47 -7.05 -15.41
C GLU A 108 15.01 -5.67 -15.87
N GLY A 109 14.00 -5.15 -15.19
CA GLY A 109 13.45 -3.86 -15.57
C GLY A 109 12.39 -3.38 -14.60
N GLN A 110 11.31 -2.78 -15.12
CA GLN A 110 10.35 -2.12 -14.26
C GLN A 110 8.93 -2.38 -14.74
N PHE A 111 7.98 -2.39 -13.81
CA PHE A 111 6.56 -2.42 -14.11
C PHE A 111 5.95 -1.13 -13.60
N TRP A 112 5.32 -0.36 -14.48
CA TRP A 112 4.68 0.90 -14.12
C TRP A 112 3.17 0.72 -14.15
N PHE A 113 2.47 1.10 -13.08
CA PHE A 113 1.04 0.84 -13.06
C PHE A 113 0.30 1.83 -12.18
N SER A 114 -1.01 1.89 -12.40
CA SER A 114 -1.92 2.63 -11.54
C SER A 114 -3.10 1.72 -11.22
N SER A 115 -3.77 2.04 -10.12
CA SER A 115 -4.94 1.31 -9.64
C SER A 115 -6.20 2.15 -9.80
N ILE A 116 -7.35 1.47 -9.78
CA ILE A 116 -8.61 2.13 -10.16
C ILE A 116 -8.99 3.23 -9.18
N ASP A 117 -8.68 3.05 -7.88
CA ASP A 117 -9.01 4.08 -6.89
C ASP A 117 -7.97 5.20 -6.82
N THR A 118 -6.80 5.03 -7.43
CA THR A 118 -5.81 6.10 -7.58
C THR A 118 -5.31 6.17 -9.02
N PRO A 119 -6.22 6.45 -9.97
CA PRO A 119 -5.88 6.27 -11.40
C PRO A 119 -4.82 7.20 -11.91
N ASN A 120 -4.54 8.31 -11.24
CA ASN A 120 -3.50 9.23 -11.68
C ASN A 120 -2.19 9.07 -10.92
N VAL A 121 -2.11 8.10 -10.01
CA VAL A 121 -0.94 7.95 -9.14
C VAL A 121 -0.03 6.90 -9.77
N PRO A 122 1.14 7.26 -10.30
CA PRO A 122 2.03 6.28 -10.95
C PRO A 122 2.79 5.47 -9.92
N THR A 123 2.63 4.15 -9.96
CA THR A 123 3.39 3.26 -9.09
C THR A 123 4.44 2.55 -9.95
N VAL A 124 5.66 2.45 -9.43
CA VAL A 124 6.79 1.84 -10.11
C VAL A 124 7.21 0.62 -9.29
N ALA A 125 7.40 -0.51 -9.95
CA ALA A 125 7.88 -1.72 -9.29
C ALA A 125 9.04 -2.30 -10.09
N ARG A 126 9.85 -3.14 -9.47
CA ARG A 126 10.94 -3.81 -10.19
C ARG A 126 10.43 -5.12 -10.77
N ALA A 127 10.90 -5.48 -11.97
CA ALA A 127 10.45 -6.68 -12.66
C ALA A 127 11.63 -7.54 -13.12
N PHE A 128 11.43 -8.86 -13.03
CA PHE A 128 12.45 -9.86 -13.33
C PHE A 128 11.80 -11.01 -14.07
N LEU A 129 12.43 -11.47 -15.14
CA LEU A 129 11.83 -12.53 -15.93
C LEU A 129 12.95 -13.44 -16.44
N THR A 130 12.79 -14.74 -16.23
CA THR A 130 13.78 -15.71 -16.66
C THR A 130 13.18 -16.64 -17.71
N TYR A 131 13.92 -16.83 -18.79
CA TYR A 131 13.63 -17.80 -19.83
C TYR A 131 14.65 -18.92 -19.68
N ASN A 132 14.21 -20.09 -19.28
CA ASN A 132 15.11 -21.24 -19.12
C ASN A 132 14.58 -22.39 -19.96
N ASN A 133 15.13 -22.54 -21.18
CA ASN A 133 14.80 -23.67 -22.04
C ASN A 133 13.30 -23.69 -22.31
N GLY A 134 12.74 -22.50 -22.50
CA GLY A 134 11.31 -22.37 -22.73
C GLY A 134 10.47 -22.09 -21.51
N ARG A 135 10.83 -22.64 -20.34
CA ARG A 135 10.15 -22.28 -19.10
C ARG A 135 10.31 -20.79 -18.83
N VAL A 136 9.20 -20.11 -18.62
CA VAL A 136 9.15 -18.66 -18.41
C VAL A 136 8.60 -18.39 -17.02
N ASP A 137 9.42 -17.82 -16.14
CA ASP A 137 9.00 -17.50 -14.77
C ASP A 137 9.65 -16.19 -14.30
N GLY A 138 8.89 -15.39 -13.56
CA GLY A 138 9.48 -14.17 -13.03
C GLY A 138 8.65 -13.60 -11.92
N GLU A 139 8.97 -12.36 -11.55
CA GLU A 139 8.34 -11.74 -10.40
C GLU A 139 8.45 -10.23 -10.52
N ILE A 140 7.50 -9.55 -9.89
CA ILE A 140 7.46 -8.10 -9.79
C ILE A 140 7.56 -7.74 -8.31
N LEU A 141 8.62 -7.03 -7.96
CA LEU A 141 8.91 -6.64 -6.59
C LEU A 141 8.71 -5.15 -6.41
N ALA A 142 8.45 -4.77 -5.16
CA ALA A 142 8.36 -3.38 -4.79
C ALA A 142 9.68 -2.68 -5.10
N LYS A 143 9.57 -1.38 -5.38
CA LYS A 143 10.73 -0.66 -5.86
C LYS A 143 11.87 -0.67 -4.86
N HIS A 144 11.58 -0.45 -3.57
CA HIS A 144 12.62 -0.21 -2.59
C HIS A 144 12.85 -1.36 -1.62
N TRP A 145 12.09 -2.45 -1.68
CA TRP A 145 12.36 -3.60 -0.82
C TRP A 145 11.82 -4.85 -1.51
N ASN A 146 12.25 -6.03 -1.05
CA ASN A 146 11.95 -7.28 -1.73
C ASN A 146 10.61 -7.88 -1.34
N GLU A 147 9.55 -7.10 -1.45
CA GLU A 147 8.19 -7.60 -1.33
C GLU A 147 7.70 -8.02 -2.72
N LYS A 148 7.23 -9.25 -2.84
CA LYS A 148 6.68 -9.71 -4.12
C LYS A 148 5.25 -9.22 -4.28
N LEU A 149 5.01 -8.44 -5.34
CA LEU A 149 3.69 -7.94 -5.70
C LEU A 149 2.97 -8.84 -6.68
N PHE A 150 3.70 -9.37 -7.66
CA PHE A 150 3.11 -10.21 -8.69
C PHE A 150 4.05 -11.35 -9.01
N GLN A 151 3.46 -12.46 -9.43
CA GLN A 151 4.18 -13.56 -10.04
C GLN A 151 3.98 -13.49 -11.54
N ILE A 152 5.05 -13.77 -12.30
CA ILE A 152 4.97 -13.88 -13.76
C ILE A 152 5.17 -15.33 -14.17
N THR A 153 4.35 -15.77 -15.12
CA THR A 153 4.49 -17.12 -15.62
C THR A 153 4.12 -17.18 -17.09
N GLY A 154 4.69 -18.16 -17.78
CA GLY A 154 4.41 -18.32 -19.19
C GLY A 154 2.94 -18.65 -19.42
N PHE A 155 2.41 -18.16 -20.55
CA PHE A 155 1.01 -18.36 -20.90
C PHE A 155 0.92 -19.07 -22.25
N ASP A 156 0.22 -20.20 -22.29
CA ASP A 156 -0.08 -20.88 -23.55
C ASP A 156 1.19 -21.36 -24.28
N ASN A 157 2.27 -21.67 -23.55
CA ASN A 157 3.53 -22.14 -24.14
C ASN A 157 4.02 -21.22 -25.27
N ASN A 158 3.78 -19.94 -25.10
CA ASN A 158 4.21 -18.91 -26.05
C ASN A 158 5.23 -18.03 -25.35
N PRO A 159 6.50 -17.99 -25.79
CA PRO A 159 7.48 -17.15 -25.10
C PRO A 159 7.13 -15.67 -25.15
N ARG A 160 6.23 -15.27 -26.04
CA ARG A 160 5.81 -13.89 -26.14
C ARG A 160 4.47 -13.62 -25.45
N LYS A 161 3.98 -14.54 -24.63
CA LYS A 161 2.79 -14.29 -23.83
C LYS A 161 3.07 -14.68 -22.38
N VAL A 162 2.83 -13.74 -21.45
CA VAL A 162 2.90 -14.07 -20.03
C VAL A 162 1.54 -13.81 -19.37
N GLU A 163 1.37 -14.47 -18.22
CA GLU A 163 0.30 -14.23 -17.28
C GLU A 163 0.91 -13.68 -15.99
N ILE A 164 0.32 -12.61 -15.48
CA ILE A 164 0.80 -11.95 -14.28
C ILE A 164 -0.30 -12.01 -13.24
N PHE A 165 0.01 -12.53 -12.06
CA PHE A 165 -1.03 -12.58 -11.04
C PHE A 165 -0.55 -11.99 -9.72
N PRO A 166 -1.44 -11.33 -8.98
CA PRO A 166 -1.02 -10.69 -7.73
C PRO A 166 -0.67 -11.72 -6.66
N THR A 167 0.32 -11.35 -5.85
CA THR A 167 0.69 -12.10 -4.65
C THR A 167 0.51 -11.26 -3.40
N VAL A 168 -0.22 -10.13 -3.49
CA VAL A 168 -0.62 -9.32 -2.36
C VAL A 168 -2.07 -8.95 -2.56
N GLU A 169 -2.73 -8.61 -1.45
CA GLU A 169 -4.12 -8.20 -1.53
C GLU A 169 -4.28 -6.72 -1.85
N TYR A 170 -3.28 -5.90 -1.55
CA TYR A 170 -3.36 -4.47 -1.83
C TYR A 170 -2.03 -4.03 -2.43
N LEU A 171 -2.09 -3.41 -3.60
CA LEU A 171 -0.92 -2.91 -4.27
C LEU A 171 -0.48 -1.62 -3.60
N PRO A 172 0.77 -1.20 -3.78
CA PRO A 172 1.18 0.10 -3.26
C PRO A 172 0.24 1.19 -3.78
N ASN A 173 -0.09 2.14 -2.89
CA ASN A 173 -0.94 3.30 -3.21
C ASN A 173 -2.37 2.91 -3.53
N SER A 174 -2.88 1.79 -3.02
CA SER A 174 -4.23 1.38 -3.37
C SER A 174 -4.93 0.73 -2.19
N GLY A 175 -6.24 0.93 -2.13
CA GLY A 175 -7.07 0.25 -1.17
C GLY A 175 -8.07 -0.67 -1.83
N THR A 176 -7.82 -1.01 -3.10
CA THR A 176 -8.66 -1.95 -3.85
C THR A 176 -8.18 -3.37 -3.55
N ARG A 177 -9.07 -4.19 -3.01
CA ARG A 177 -8.70 -5.52 -2.55
C ARG A 177 -8.67 -6.47 -3.74
N LEU A 178 -7.49 -7.04 -4.01
CA LEU A 178 -7.29 -8.08 -5.02
C LEU A 178 -7.32 -9.46 -4.40
N THR A 179 -7.73 -10.45 -5.21
CA THR A 179 -7.57 -11.86 -4.87
C THR A 179 -6.22 -12.35 -5.34
N LYS A 180 -5.52 -13.10 -4.50
CA LYS A 180 -4.18 -13.58 -4.83
C LYS A 180 -4.22 -14.93 -5.54
N GLY A 181 -3.13 -15.25 -6.23
CA GLY A 181 -2.92 -16.59 -6.71
C GLY A 181 -3.16 -16.75 -8.21
N ALA A 182 -2.85 -17.96 -8.69
CA ALA A 182 -2.79 -18.23 -10.12
C ALA A 182 -4.16 -18.33 -10.77
N THR A 183 -5.22 -18.59 -10.01
CA THR A 183 -6.57 -18.58 -10.56
C THR A 183 -7.31 -17.30 -10.20
N SER A 184 -6.57 -16.25 -9.87
CA SER A 184 -7.21 -15.01 -9.47
C SER A 184 -7.93 -14.37 -10.65
N PRO A 185 -9.18 -13.95 -10.48
CA PRO A 185 -9.83 -13.18 -11.54
C PRO A 185 -9.20 -11.81 -11.76
N HIS A 186 -8.28 -11.40 -10.89
CA HIS A 186 -7.56 -10.15 -11.01
C HIS A 186 -6.18 -10.32 -11.63
N ARG A 187 -5.89 -11.48 -12.21
CA ARG A 187 -4.70 -11.62 -13.02
C ARG A 187 -4.97 -11.10 -14.43
N PHE A 188 -3.92 -11.03 -15.23
CA PHE A 188 -4.12 -10.67 -16.64
C PHE A 188 -3.01 -11.27 -17.47
N GLN A 189 -3.25 -11.28 -18.78
CA GLN A 189 -2.32 -11.82 -19.75
C GLN A 189 -1.71 -10.67 -20.53
N ASP A 191 0.84 -9.66 -24.00
CA ASP A 191 1.66 -9.92 -25.18
C ASP A 191 2.99 -9.20 -25.04
N LEU A 192 4.09 -9.92 -25.22
CA LEU A 192 5.43 -9.37 -25.13
C LEU A 192 6.09 -9.28 -26.50
N HIS A 193 6.99 -8.30 -26.66
CA HIS A 193 7.71 -8.05 -27.90
C HIS A 193 9.20 -7.97 -27.60
N PHE A 194 9.99 -8.81 -28.26
CA PHE A 194 11.45 -8.81 -28.12
C PHE A 194 12.06 -7.85 -29.14
N ILE A 195 12.83 -6.88 -28.67
CA ILE A 195 13.35 -5.79 -29.51
C ILE A 195 14.87 -5.88 -29.52
N ASN A 196 15.45 -5.82 -30.72
CA ASN A 196 16.91 -5.77 -30.84
C ASN A 196 17.42 -4.35 -30.62
N SER A 197 18.63 -4.24 -30.07
CA SER A 197 19.18 -2.92 -29.79
C SER A 197 19.84 -2.33 -31.03
N THR A 198 20.04 -1.02 -31.00
CA THR A 198 20.76 -0.38 -32.09
C THR A 198 22.24 -0.72 -32.07
N ASN A 199 22.75 -1.20 -30.94
CA ASN A 199 24.13 -1.65 -30.83
C ASN A 199 24.28 -3.14 -31.08
N GLY A 200 23.32 -3.76 -31.77
CA GLY A 200 23.49 -5.12 -32.24
C GLY A 200 23.25 -6.22 -31.24
N GLU A 201 22.71 -5.93 -30.06
CA GLU A 201 22.35 -6.99 -29.12
C GLU A 201 20.96 -7.52 -29.50
N LYS A 202 20.85 -8.82 -29.74
CA LYS A 202 19.57 -9.41 -30.11
C LYS A 202 18.73 -9.67 -28.87
N ASN A 203 17.43 -9.40 -28.98
CA ASN A 203 16.51 -9.64 -27.88
C ASN A 203 16.91 -8.88 -26.63
N LYS A 204 17.53 -7.71 -26.80
CA LYS A 204 18.03 -6.95 -25.65
C LYS A 204 16.90 -6.40 -24.79
N TYR A 205 15.77 -6.05 -25.40
CA TYR A 205 14.71 -5.36 -24.67
C TYR A 205 13.38 -6.11 -24.82
N LEU A 206 12.54 -6.01 -23.80
CA LEU A 206 11.28 -6.73 -23.73
C LEU A 206 10.21 -5.81 -23.16
N VAL A 207 9.16 -5.55 -23.92
CA VAL A 207 8.09 -4.65 -23.52
C VAL A 207 6.75 -5.32 -23.77
N GLY A 208 5.78 -4.99 -22.93
CA GLY A 208 4.39 -5.36 -23.13
C GLY A 208 3.53 -4.60 -22.14
N GLN A 209 2.22 -4.72 -22.30
CA GLN A 209 1.31 -4.03 -21.37
C GLN A 209 0.02 -4.81 -21.19
N GLY A 210 -0.69 -4.50 -20.11
CA GLY A 210 -1.94 -5.18 -19.86
C GLY A 210 -2.78 -4.45 -18.82
N SER A 211 -3.95 -5.01 -18.54
CA SER A 211 -4.86 -4.37 -17.61
C SER A 211 -5.88 -5.36 -17.08
N THR A 212 -6.42 -5.04 -15.91
CA THR A 212 -7.68 -5.53 -15.39
C THR A 212 -8.55 -4.33 -15.08
N GLU A 213 -9.73 -4.58 -14.51
CA GLU A 213 -10.55 -3.47 -14.05
C GLU A 213 -9.89 -2.72 -12.89
N GLN A 214 -9.08 -3.42 -12.07
CA GLN A 214 -8.57 -2.85 -10.83
C GLN A 214 -7.22 -2.14 -10.99
N TYR A 215 -6.44 -2.52 -11.98
CA TYR A 215 -5.13 -1.90 -12.17
C TYR A 215 -4.69 -2.13 -13.61
N TRP A 216 -3.77 -1.30 -14.07
CA TRP A 216 -3.31 -1.38 -15.45
C TRP A 216 -1.88 -0.83 -15.52
N GLY A 217 -1.08 -1.35 -16.45
CA GLY A 217 0.30 -0.90 -16.50
C GLY A 217 1.08 -1.40 -17.70
N VAL A 218 2.38 -1.12 -17.68
CA VAL A 218 3.28 -1.41 -18.78
C VAL A 218 4.59 -1.97 -18.21
N LEU A 219 5.16 -2.94 -18.91
CA LEU A 219 6.36 -3.64 -18.47
C LEU A 219 7.48 -3.38 -19.48
N GLY A 220 8.65 -2.97 -18.99
CA GLY A 220 9.78 -2.75 -19.88
C GLY A 220 11.05 -3.28 -19.26
N ALA A 222 15.27 -5.15 -19.78
CA ALA A 222 16.50 -5.25 -20.54
C ALA A 222 17.19 -6.55 -20.16
N ALA A 223 17.85 -7.18 -21.12
CA ALA A 223 18.51 -8.45 -20.83
C ALA A 223 19.73 -8.21 -19.96
N ALA A 224 19.95 -9.11 -19.00
CA ALA A 224 21.24 -9.18 -18.34
C ALA A 224 22.30 -9.59 -19.36
N GLN A 225 23.34 -8.77 -19.51
CA GLN A 225 24.38 -9.01 -20.48
C GLN A 225 25.21 -10.25 -20.16
N ASP B 9 -12.92 -1.20 39.61
CA ASP B 9 -12.95 -0.79 38.19
C ASP B 9 -13.48 -1.91 37.29
N SER B 10 -13.95 -1.54 36.10
CA SER B 10 -14.59 -2.49 35.21
C SER B 10 -13.62 -3.35 34.41
N TYR B 11 -12.31 -3.35 34.71
CA TYR B 11 -11.37 -4.18 33.96
C TYR B 11 -11.65 -5.66 34.16
N ASN B 12 -11.77 -6.41 33.06
CA ASN B 12 -12.08 -7.84 33.16
C ASN B 12 -11.67 -8.52 31.85
N LYS B 13 -10.42 -8.98 31.77
CA LYS B 13 -9.97 -9.67 30.56
C LYS B 13 -10.65 -11.02 30.36
N ASP B 14 -11.42 -11.51 31.33
CA ASP B 14 -12.20 -12.73 31.18
C ASP B 14 -13.59 -12.47 30.57
N ALA B 15 -13.96 -11.21 30.33
CA ALA B 15 -15.27 -10.90 29.74
C ALA B 15 -15.14 -9.58 28.97
N VAL B 16 -14.46 -9.65 27.84
CA VAL B 16 -14.14 -8.48 27.03
C VAL B 16 -15.28 -8.23 26.05
N PHE B 17 -15.76 -6.99 25.98
CA PHE B 17 -16.91 -6.70 25.12
C PHE B 17 -16.56 -6.82 23.63
N THR B 18 -17.43 -7.51 22.88
CA THR B 18 -17.40 -7.51 21.42
C THR B 18 -18.83 -7.61 20.90
N TYR B 19 -18.97 -7.46 19.58
CA TYR B 19 -20.23 -7.67 18.87
C TYR B 19 -20.11 -8.91 18.00
N GLU B 20 -21.17 -9.72 17.97
CA GLU B 20 -21.41 -10.64 16.86
C GLU B 20 -22.31 -9.94 15.85
N LEU B 21 -21.85 -9.83 14.60
CA LEU B 21 -22.61 -9.17 13.54
C LEU B 21 -23.14 -10.25 12.59
N ILE B 22 -24.44 -10.49 12.64
CA ILE B 22 -25.08 -11.59 11.91
C ILE B 22 -25.54 -11.08 10.55
N ALA B 23 -25.16 -11.80 9.49
CA ALA B 23 -25.45 -11.38 8.12
C ALA B 23 -26.91 -11.60 7.76
N ASN B 24 -27.46 -10.68 6.97
CA ASN B 24 -28.84 -10.79 6.52
C ASN B 24 -28.86 -11.54 5.18
N PRO B 25 -29.53 -12.71 5.09
CA PRO B 25 -29.48 -13.48 3.83
C PRO B 25 -30.29 -12.87 2.71
N ASP B 26 -30.59 -11.57 2.78
CA ASP B 26 -31.32 -10.87 1.73
C ASP B 26 -30.54 -9.65 1.29
N ALA B 27 -30.36 -9.51 -0.03
CA ALA B 27 -29.63 -8.39 -0.63
C ALA B 27 -29.78 -8.42 -2.16
N ASP B 31 -32.66 -2.45 -1.23
CA ASP B 31 -32.96 -3.68 -0.51
C ASP B 31 -32.59 -3.55 1.00
N GLN B 32 -32.64 -4.67 1.71
CA GLN B 32 -32.55 -4.66 3.17
C GLN B 32 -31.11 -4.42 3.62
N LYS B 33 -30.97 -4.22 4.94
CA LYS B 33 -29.64 -4.05 5.52
C LYS B 33 -28.80 -5.31 5.31
N LEU B 34 -27.48 -5.11 5.23
CA LEU B 34 -26.58 -6.24 5.05
C LEU B 34 -26.34 -6.99 6.36
N ILE B 35 -26.37 -6.30 7.49
CA ILE B 35 -26.28 -6.93 8.79
C ILE B 35 -27.67 -7.03 9.36
N LEU B 36 -28.03 -8.18 9.89
CA LEU B 36 -29.36 -8.39 10.43
C LEU B 36 -29.47 -8.17 11.93
N LYS B 37 -28.43 -8.53 12.70
CA LYS B 37 -28.43 -8.37 14.15
C LYS B 37 -27.01 -8.03 14.62
N LYS B 38 -26.92 -7.17 15.63
CA LYS B 38 -25.72 -7.04 16.46
C LYS B 38 -26.04 -7.61 17.83
N GLU B 39 -25.27 -8.61 18.25
CA GLU B 39 -25.43 -9.24 19.55
C GLU B 39 -24.16 -9.00 20.33
N ILE B 40 -24.31 -8.65 21.61
CA ILE B 40 -23.14 -8.51 22.48
C ILE B 40 -22.58 -9.90 22.74
N SER B 41 -21.25 -9.98 22.85
CA SER B 41 -20.60 -11.24 23.14
C SER B 41 -19.36 -10.95 23.97
N TYR B 42 -19.28 -11.55 25.16
CA TYR B 42 -18.16 -11.30 26.06
C TYR B 42 -17.16 -12.45 25.96
N ILE B 43 -15.89 -12.11 25.74
CA ILE B 43 -14.85 -13.06 25.36
C ILE B 43 -13.86 -13.20 26.52
N LYS B 44 -13.44 -14.44 26.81
CA LYS B 44 -12.42 -14.70 27.83
C LYS B 44 -11.06 -14.75 27.14
N LEU B 45 -10.20 -13.78 27.44
CA LEU B 45 -8.92 -13.69 26.75
C LEU B 45 -7.87 -14.62 27.38
N ASN B 46 -7.02 -15.18 26.53
CA ASN B 46 -5.80 -15.86 26.97
C ASN B 46 -4.58 -15.03 26.54
N LEU B 47 -3.43 -15.36 27.13
CA LEU B 47 -2.21 -14.64 26.81
C LEU B 47 -1.91 -14.73 25.31
N GLY B 48 -1.50 -13.62 24.72
CA GLY B 48 -1.23 -13.57 23.30
C GLY B 48 -2.44 -13.16 22.49
N ILE B 49 -2.50 -13.64 21.24
CA ILE B 49 -3.48 -13.19 20.25
C ILE B 49 -4.78 -13.94 20.48
N ASN B 50 -5.90 -13.24 20.37
CA ASN B 50 -7.23 -13.81 20.57
C ASN B 50 -8.10 -13.40 19.40
N GLN B 51 -8.67 -14.37 18.68
CA GLN B 51 -9.67 -14.10 17.66
C GLN B 51 -10.58 -15.30 17.51
N ASP B 52 -11.85 -15.05 17.15
CA ASP B 52 -12.76 -16.18 16.94
C ASP B 52 -12.39 -16.95 15.67
N ASN B 53 -12.21 -16.26 14.55
CA ASN B 53 -12.00 -16.93 13.28
C ASN B 53 -10.85 -16.29 12.54
N LYS B 54 -9.95 -17.12 12.01
CA LYS B 54 -8.80 -16.60 11.27
C LYS B 54 -9.24 -15.87 10.00
N ASN B 55 -10.29 -16.33 9.33
CA ASN B 55 -10.62 -15.77 8.02
C ASN B 55 -11.39 -14.47 8.14
N ALA B 56 -12.41 -14.41 9.00
CA ALA B 56 -13.23 -13.20 9.15
C ALA B 56 -13.48 -12.96 10.62
N PRO B 57 -12.47 -12.51 11.34
CA PRO B 57 -12.61 -12.36 12.80
C PRO B 57 -13.59 -11.26 13.16
N SER B 58 -14.41 -11.54 14.16
CA SER B 58 -15.20 -10.47 14.76
C SER B 58 -14.35 -9.54 15.61
N TYR B 59 -13.21 -10.03 16.09
CA TYR B 59 -12.34 -9.27 16.98
C TYR B 59 -10.95 -9.90 16.93
N ILE B 60 -9.94 -9.08 17.17
CA ILE B 60 -8.60 -9.54 17.52
C ILE B 60 -8.14 -8.73 18.73
N PHE B 61 -7.73 -9.41 19.79
CA PHE B 61 -7.17 -8.79 20.99
C PHE B 61 -5.85 -9.44 21.34
N ASN B 62 -4.86 -8.61 21.64
CA ASN B 62 -3.56 -9.04 22.11
C ASN B 62 -3.53 -8.84 23.63
N LEU B 63 -3.64 -9.93 24.39
CA LEU B 63 -3.47 -9.86 25.84
C LEU B 63 -1.97 -9.91 26.12
N LEU B 64 -1.37 -8.75 26.38
CA LEU B 64 0.07 -8.70 26.61
C LEU B 64 0.46 -9.31 27.95
N ASP B 65 -0.47 -9.35 28.89
CA ASP B 65 -0.25 -9.65 30.29
C ASP B 65 -1.65 -9.69 30.88
N ASP B 66 -1.80 -10.37 32.01
CA ASP B 66 -3.12 -10.39 32.64
C ASP B 66 -3.61 -8.98 32.97
N ASN B 67 -2.70 -8.01 33.05
CA ASN B 67 -3.07 -6.64 33.40
C ASN B 67 -3.45 -5.77 32.21
N VAL B 68 -3.20 -6.18 30.95
CA VAL B 68 -3.44 -5.26 29.85
C VAL B 68 -3.58 -5.94 28.49
N TYR B 69 -4.61 -5.55 27.73
CA TYR B 69 -4.76 -5.97 26.34
C TYR B 69 -5.08 -4.77 25.46
N TYR B 70 -4.85 -4.93 24.16
CA TYR B 70 -5.35 -4.01 23.16
C TYR B 70 -5.87 -4.81 21.98
N GLY B 71 -6.63 -4.15 21.11
CA GLY B 71 -7.09 -4.74 19.87
C GLY B 71 -8.28 -4.03 19.28
N PHE B 72 -9.24 -4.79 18.75
CA PHE B 72 -10.40 -4.18 18.11
C PHE B 72 -11.50 -5.20 18.04
N TYR B 73 -12.74 -4.70 17.98
CA TYR B 73 -13.92 -5.48 17.63
C TYR B 73 -14.61 -4.79 16.46
N ARG B 74 -15.44 -5.52 15.72
CA ARG B 74 -16.16 -4.87 14.63
C ARG B 74 -17.47 -4.27 15.12
N ASP B 75 -17.84 -3.13 14.51
CA ASP B 75 -19.11 -2.48 14.79
C ASP B 75 -19.68 -1.97 13.47
N THR B 76 -20.96 -1.61 13.50
CA THR B 76 -21.61 -0.97 12.36
C THR B 76 -22.71 -0.05 12.88
N GLN B 77 -22.65 1.22 12.47
CA GLN B 77 -23.70 2.18 12.87
C GLN B 77 -24.97 2.00 12.03
N ASP B 78 -24.84 1.80 10.72
CA ASP B 78 -25.98 1.80 9.82
C ASP B 78 -26.39 0.40 9.37
N ASN B 80 -24.89 -1.59 7.52
CA ASN B 80 -24.34 -1.87 6.18
C ASN B 80 -22.82 -1.81 6.19
N ARG B 81 -22.26 -0.69 6.60
CA ARG B 81 -20.83 -0.44 6.61
C ARG B 81 -20.25 -0.96 7.92
N ILE B 82 -19.21 -1.79 7.82
CA ILE B 82 -18.56 -2.39 8.99
C ILE B 82 -17.26 -1.68 9.26
N GLU B 83 -17.04 -1.31 10.53
CA GLU B 83 -15.86 -0.57 10.94
C GLU B 83 -15.17 -1.28 12.09
N ASN B 84 -13.85 -1.21 12.08
CA ASN B 84 -13.04 -1.65 13.20
C ASN B 84 -13.00 -0.58 14.30
N LYS B 85 -13.27 -1.00 15.53
CA LYS B 85 -13.24 -0.15 16.72
C LYS B 85 -12.06 -0.58 17.59
N TYR B 86 -10.97 0.18 17.54
CA TYR B 86 -9.76 -0.16 18.28
C TYR B 86 -9.89 0.31 19.73
N THR B 87 -9.27 -0.46 20.63
CA THR B 87 -9.40 -0.18 22.04
C THR B 87 -8.26 -0.88 22.79
N TYR B 88 -8.22 -0.61 24.09
CA TYR B 88 -7.31 -1.25 25.02
C TYR B 88 -7.97 -1.13 26.39
N ALA B 89 -7.47 -1.92 27.34
CA ALA B 89 -7.92 -1.82 28.71
C ALA B 89 -6.83 -2.37 29.59
N PHE B 90 -6.76 -1.85 30.81
CA PHE B 90 -5.76 -2.34 31.74
C PHE B 90 -6.31 -2.29 33.16
N LYS B 91 -5.75 -3.16 34.01
CA LYS B 91 -6.10 -3.09 35.43
C LYS B 91 -5.64 -1.75 35.99
N LYS B 92 -6.58 -1.02 36.59
CA LYS B 92 -6.28 0.36 37.02
C LYS B 92 -5.07 0.40 37.96
N GLU B 93 -4.98 -0.52 38.92
CA GLU B 93 -3.92 -0.45 39.91
C GLU B 93 -2.55 -0.82 39.34
N ALA B 94 -2.51 -1.35 38.13
CA ALA B 94 -1.26 -1.72 37.49
C ALA B 94 -0.61 -0.57 36.73
N GLU B 95 -1.28 0.56 36.60
CA GLU B 95 -0.68 1.70 35.91
C GLU B 95 0.44 2.29 36.75
N ASN B 96 1.57 2.58 36.11
CA ASN B 96 2.70 3.20 36.77
C ASN B 96 2.60 4.71 36.60
N PHE B 97 2.67 5.45 37.71
CA PHE B 97 2.52 6.89 37.65
C PHE B 97 3.84 7.60 37.95
N ASP B 98 4.95 6.88 37.93
CA ASP B 98 6.23 7.45 38.29
C ASP B 98 6.61 8.60 37.36
N ASN B 99 7.45 9.48 37.87
CA ASN B 99 7.96 10.59 37.09
C ASN B 99 8.98 10.09 36.08
N LEU B 100 8.76 10.41 34.81
CA LEU B 100 9.59 9.88 33.72
C LEU B 100 10.39 10.97 33.03
N GLN B 101 10.70 12.07 33.72
CA GLN B 101 11.51 13.10 33.09
C GLN B 101 13.00 12.75 33.08
N LYS B 102 13.41 11.72 33.81
CA LYS B 102 14.71 11.09 33.65
C LYS B 102 14.63 9.72 32.97
N PHE B 103 13.51 9.43 32.31
CA PHE B 103 13.26 8.09 31.80
C PHE B 103 14.25 7.69 30.72
N ASN B 104 14.81 6.49 30.87
CA ASN B 104 15.64 5.87 29.84
C ASN B 104 15.10 4.47 29.58
N ALA B 105 14.49 4.28 28.42
CA ALA B 105 13.88 3.01 28.08
C ALA B 105 13.66 2.96 26.57
N THR B 106 13.54 1.76 26.06
CA THR B 106 13.16 1.56 24.67
C THR B 106 12.03 0.55 24.65
N TYR B 107 11.09 0.77 23.74
CA TYR B 107 9.90 -0.05 23.62
C TYR B 107 9.78 -0.52 22.18
N GLU B 108 9.30 -1.76 22.02
CA GLU B 108 8.95 -2.34 20.73
C GLU B 108 7.53 -2.88 20.80
N GLY B 109 6.76 -2.69 19.73
CA GLY B 109 5.40 -3.21 19.73
C GLY B 109 4.72 -3.12 18.39
N GLN B 110 3.42 -2.88 18.38
CA GLN B 110 2.68 -2.81 17.13
C GLN B 110 1.67 -1.69 17.16
N PHE B 111 1.40 -1.13 15.98
CA PHE B 111 0.34 -0.14 15.77
C PHE B 111 -0.67 -0.79 14.83
N TRP B 112 -1.90 -0.97 15.31
CA TRP B 112 -2.97 -1.54 14.50
C TRP B 112 -3.91 -0.41 14.09
N PHE B 113 -4.29 -0.36 12.82
CA PHE B 113 -5.12 0.76 12.38
C PHE B 113 -5.92 0.39 11.14
N SER B 114 -6.90 1.25 10.83
CA SER B 114 -7.69 1.17 9.62
C SER B 114 -7.78 2.56 9.01
N SER B 115 -7.94 2.62 7.70
CA SER B 115 -8.09 3.88 6.98
C SER B 115 -9.55 4.07 6.55
N ILE B 116 -9.89 5.32 6.26
CA ILE B 116 -11.30 5.65 6.05
C ILE B 116 -11.88 4.86 4.87
N ASP B 117 -11.08 4.57 3.84
CA ASP B 117 -11.60 3.85 2.68
C ASP B 117 -11.57 2.33 2.86
N THR B 118 -10.85 1.83 3.85
CA THR B 118 -10.83 0.40 4.17
C THR B 118 -11.04 0.21 5.66
N PRO B 119 -12.19 0.67 6.18
CA PRO B 119 -12.35 0.83 7.63
C PRO B 119 -12.48 -0.47 8.39
N ASN B 120 -12.74 -1.59 7.69
CA ASN B 120 -12.79 -2.92 8.28
C ASN B 120 -11.52 -3.72 8.04
N VAL B 121 -10.54 -3.16 7.36
CA VAL B 121 -9.29 -3.87 7.08
C VAL B 121 -8.31 -3.53 8.20
N PRO B 122 -7.93 -4.50 9.03
CA PRO B 122 -6.97 -4.23 10.11
C PRO B 122 -5.56 -4.24 9.55
N THR B 123 -4.86 -3.10 9.65
CA THR B 123 -3.51 -2.98 9.16
C THR B 123 -2.57 -3.01 10.36
N VAL B 124 -1.57 -3.89 10.31
CA VAL B 124 -0.64 -4.06 11.41
C VAL B 124 0.72 -3.48 11.00
N ALA B 125 1.30 -2.65 11.86
CA ALA B 125 2.60 -2.05 11.65
C ALA B 125 3.47 -2.27 12.88
N ARG B 126 4.78 -2.21 12.70
CA ARG B 126 5.72 -2.31 13.83
C ARG B 126 5.98 -0.94 14.43
N ALA B 127 6.09 -0.89 15.76
CA ALA B 127 6.32 0.34 16.49
C ALA B 127 7.60 0.25 17.32
N PHE B 128 8.37 1.33 17.34
CA PHE B 128 9.56 1.44 18.17
C PHE B 128 9.61 2.84 18.72
N LEU B 129 9.72 2.99 20.05
CA LEU B 129 10.12 4.28 20.59
C LEU B 129 11.04 4.11 21.77
N THR B 130 11.87 5.12 21.96
CA THR B 130 12.83 5.15 23.04
C THR B 130 12.62 6.43 23.83
N TYR B 131 12.99 6.37 25.11
CA TYR B 131 13.07 7.56 25.96
C TYR B 131 14.53 7.78 26.32
N ASN B 132 15.00 9.00 26.12
CA ASN B 132 16.31 9.42 26.57
C ASN B 132 16.10 10.68 27.40
N ASN B 133 16.27 10.55 28.72
CA ASN B 133 16.08 11.66 29.65
C ASN B 133 14.67 12.24 29.55
N GLY B 134 13.67 11.36 29.47
CA GLY B 134 12.30 11.78 29.32
C GLY B 134 11.90 12.20 27.91
N ARG B 135 12.82 12.61 27.06
CA ARG B 135 12.47 13.01 25.71
C ARG B 135 12.21 11.79 24.84
N VAL B 136 11.21 11.88 24.01
CA VAL B 136 10.75 10.68 23.33
C VAL B 136 10.89 10.84 21.82
N ASP B 137 11.19 9.73 21.16
CA ASP B 137 11.31 9.70 19.72
C ASP B 137 11.01 8.29 19.27
N GLY B 138 10.39 8.18 18.11
CA GLY B 138 10.01 6.85 17.66
C GLY B 138 9.44 6.89 16.26
N GLU B 139 9.23 5.70 15.72
CA GLU B 139 8.74 5.54 14.37
C GLU B 139 7.85 4.31 14.33
N ILE B 140 6.92 4.32 13.38
CA ILE B 140 6.12 3.17 13.04
C ILE B 140 6.53 2.73 11.64
N LEU B 141 6.80 1.43 11.49
CA LEU B 141 7.26 0.85 10.23
C LEU B 141 6.24 -0.13 9.71
N ALA B 142 6.24 -0.32 8.39
CA ALA B 142 5.42 -1.35 7.77
C ALA B 142 5.75 -2.72 8.38
N LYS B 143 4.74 -3.60 8.43
CA LYS B 143 4.88 -4.86 9.15
C LYS B 143 6.11 -5.64 8.72
N HIS B 144 6.24 -5.90 7.40
CA HIS B 144 7.27 -6.83 6.95
C HIS B 144 8.46 -6.17 6.26
N TRP B 145 8.46 -4.84 6.09
CA TRP B 145 9.49 -4.19 5.30
C TRP B 145 9.84 -2.85 5.93
N ASN B 146 11.06 -2.37 5.65
CA ASN B 146 11.51 -1.13 6.27
C ASN B 146 11.01 0.05 5.46
N GLU B 147 9.76 0.38 5.69
CA GLU B 147 9.14 1.59 5.18
C GLU B 147 8.55 2.32 6.36
N LYS B 148 8.95 3.57 6.56
CA LYS B 148 8.47 4.35 7.69
C LYS B 148 7.12 4.95 7.33
N LEU B 149 6.11 4.62 8.12
CA LEU B 149 4.76 5.11 7.90
C LEU B 149 4.48 6.36 8.72
N PHE B 150 4.96 6.40 9.97
CA PHE B 150 4.66 7.49 10.87
C PHE B 150 5.91 7.89 11.64
N GLN B 151 5.87 9.12 12.14
CA GLN B 151 6.84 9.62 13.12
C GLN B 151 6.16 9.72 14.48
N ILE B 152 6.83 9.20 15.51
CA ILE B 152 6.38 9.36 16.89
C ILE B 152 7.18 10.47 17.53
N THR B 153 6.49 11.52 17.96
CA THR B 153 7.18 12.63 18.56
C THR B 153 6.57 12.91 19.92
N GLY B 154 7.33 13.59 20.75
CA GLY B 154 6.80 14.05 22.02
C GLY B 154 5.81 15.18 21.84
N PHE B 155 5.00 15.37 22.87
CA PHE B 155 3.93 16.36 22.81
C PHE B 155 3.83 17.02 24.18
N ASP B 156 3.98 18.34 24.21
CA ASP B 156 3.70 19.17 25.38
C ASP B 156 4.68 18.96 26.53
N ASN B 157 5.90 18.50 26.24
CA ASN B 157 6.88 18.17 27.28
C ASN B 157 6.28 17.21 28.30
N ASN B 158 5.33 16.39 27.86
CA ASN B 158 4.69 15.40 28.71
C ASN B 158 5.05 14.01 28.22
N PRO B 159 5.88 13.26 28.97
CA PRO B 159 6.31 11.93 28.49
C PRO B 159 5.17 10.99 28.16
N ARG B 160 4.00 11.16 28.76
CA ARG B 160 2.87 10.28 28.49
C ARG B 160 1.96 10.79 27.37
N LYS B 161 2.37 11.85 26.67
CA LYS B 161 1.61 12.40 25.55
C LYS B 161 2.50 12.39 24.32
N VAL B 162 2.04 11.75 23.25
CA VAL B 162 2.81 11.72 22.02
C VAL B 162 1.94 12.13 20.85
N GLU B 163 2.60 12.54 19.77
CA GLU B 163 1.94 12.87 18.52
C GLU B 163 2.45 11.95 17.43
N ILE B 164 1.56 11.61 16.51
CA ILE B 164 1.88 10.73 15.40
C ILE B 164 1.43 11.42 14.12
N PHE B 165 2.30 11.41 13.12
CA PHE B 165 1.89 11.98 11.83
C PHE B 165 2.52 11.19 10.69
N PRO B 166 1.82 11.09 9.56
CA PRO B 166 2.27 10.21 8.48
C PRO B 166 3.49 10.76 7.75
N THR B 167 4.34 9.84 7.32
CA THR B 167 5.50 10.14 6.48
C THR B 167 5.40 9.49 5.11
N VAL B 168 4.21 9.02 4.74
CA VAL B 168 3.93 8.52 3.40
C VAL B 168 2.61 9.17 2.99
N GLU B 169 2.39 9.24 1.67
CA GLU B 169 1.15 9.80 1.19
C GLU B 169 0.00 8.81 1.27
N TYR B 170 0.30 7.52 1.16
CA TYR B 170 -0.72 6.47 1.19
C TYR B 170 -0.25 5.40 2.18
N LEU B 171 -1.01 5.21 3.25
CA LEU B 171 -0.75 4.13 4.16
C LEU B 171 -1.06 2.81 3.46
N PRO B 172 -0.51 1.68 3.96
CA PRO B 172 -0.81 0.38 3.33
C PRO B 172 -2.29 0.09 3.42
N ASN B 173 -2.81 -0.57 2.36
CA ASN B 173 -4.21 -0.96 2.26
C ASN B 173 -5.15 0.25 2.14
N SER B 174 -4.62 1.37 1.62
CA SER B 174 -5.43 2.56 1.50
C SER B 174 -5.11 3.30 0.19
N GLY B 175 -6.13 3.90 -0.38
CA GLY B 175 -5.97 4.85 -1.46
C GLY B 175 -6.18 6.28 -1.03
N THR B 176 -6.33 6.53 0.27
CA THR B 176 -6.57 7.88 0.78
C THR B 176 -5.25 8.65 0.78
N ARG B 177 -5.18 9.74 0.03
CA ARG B 177 -3.96 10.54 0.06
C ARG B 177 -3.93 11.39 1.31
N LEU B 178 -2.88 11.23 2.10
CA LEU B 178 -2.64 12.01 3.30
C LEU B 178 -1.64 13.12 3.00
N THR B 179 -1.82 14.23 3.71
CA THR B 179 -0.74 15.20 3.85
C THR B 179 0.28 14.64 4.84
N LYS B 180 1.54 14.58 4.41
CA LYS B 180 2.62 14.21 5.32
C LYS B 180 3.04 15.41 6.16
N GLY B 181 3.68 15.14 7.29
CA GLY B 181 4.38 16.16 8.05
C GLY B 181 3.67 16.51 9.35
N ALA B 182 4.32 17.43 10.07
CA ALA B 182 3.89 17.73 11.44
C ALA B 182 2.61 18.55 11.50
N THR B 183 2.34 19.36 10.47
CA THR B 183 1.13 20.17 10.40
C THR B 183 0.05 19.54 9.53
N SER B 184 0.17 18.26 9.24
CA SER B 184 -0.86 17.57 8.49
C SER B 184 -2.18 17.62 9.28
N PRO B 185 -3.29 17.95 8.63
CA PRO B 185 -4.59 17.85 9.33
C PRO B 185 -4.95 16.43 9.72
N HIS B 186 -4.41 15.44 9.00
CA HIS B 186 -4.60 14.02 9.30
C HIS B 186 -3.68 13.60 10.45
N PHE B 188 -2.56 13.32 14.74
CA PHE B 188 -3.30 13.08 15.98
C PHE B 188 -2.40 12.81 17.19
N GLN B 189 -2.92 13.12 18.37
CA GLN B 189 -2.20 12.96 19.62
C GLN B 189 -2.70 11.74 20.39
N ASP B 191 -2.53 9.79 24.44
CA ASP B 191 -2.14 9.60 25.83
C ASP B 191 -1.67 8.16 26.02
N LEU B 192 -0.46 8.00 26.56
CA LEU B 192 0.11 6.67 26.78
C LEU B 192 0.02 6.29 28.25
N HIS B 193 -0.21 5.00 28.50
CA HIS B 193 -0.32 4.48 29.85
C HIS B 193 0.72 3.39 30.05
N PHE B 194 1.55 3.56 31.07
CA PHE B 194 2.60 2.61 31.42
C PHE B 194 2.06 1.62 32.44
N ILE B 195 2.16 0.33 32.12
CA ILE B 195 1.51 -0.74 32.87
C ILE B 195 2.59 -1.66 33.42
N ASN B 196 2.55 -1.90 34.74
CA ASN B 196 3.40 -2.89 35.37
C ASN B 196 2.84 -4.29 35.13
N SER B 197 3.74 -5.27 35.02
CA SER B 197 3.33 -6.64 34.74
C SER B 197 2.95 -7.36 36.02
N THR B 198 2.17 -8.44 35.87
CA THR B 198 1.78 -9.22 37.04
C THR B 198 2.98 -9.83 37.73
N ASN B 199 4.07 -10.07 37.00
CA ASN B 199 5.33 -10.50 37.59
C ASN B 199 5.95 -9.42 38.48
N GLY B 200 5.51 -8.16 38.36
CA GLY B 200 6.11 -7.07 39.09
C GLY B 200 7.14 -6.26 38.32
N GLU B 201 7.38 -6.56 37.04
CA GLU B 201 8.27 -5.73 36.23
C GLU B 201 7.63 -4.37 36.01
N LYS B 202 8.29 -3.31 36.46
CA LYS B 202 7.74 -1.97 36.34
C LYS B 202 7.83 -1.47 34.89
N ASN B 203 6.77 -0.78 34.46
CA ASN B 203 6.73 -0.11 33.15
C ASN B 203 6.93 -1.08 31.99
N LYS B 204 6.52 -2.35 32.16
CA LYS B 204 6.83 -3.32 31.12
C LYS B 204 6.02 -3.07 29.85
N TYR B 205 4.85 -2.45 29.95
CA TYR B 205 3.94 -2.31 28.82
C TYR B 205 3.47 -0.87 28.66
N LEU B 206 3.09 -0.54 27.43
CA LEU B 206 2.71 0.81 27.04
C LEU B 206 1.56 0.68 26.05
N VAL B 207 0.42 1.31 26.36
CA VAL B 207 -0.70 1.34 25.43
C VAL B 207 -1.17 2.77 25.26
N GLY B 208 -1.87 2.99 24.15
CA GLY B 208 -2.49 4.27 23.89
C GLY B 208 -3.24 4.15 22.58
N GLN B 209 -4.07 5.16 22.29
CA GLN B 209 -4.82 5.11 21.06
C GLN B 209 -5.22 6.52 20.64
N GLY B 210 -5.61 6.64 19.37
CA GLY B 210 -5.98 7.92 18.80
C GLY B 210 -6.66 7.74 17.46
N SER B 211 -7.08 8.85 16.88
CA SER B 211 -7.83 8.78 15.63
C SER B 211 -7.97 10.15 14.96
N THR B 212 -7.65 10.23 13.67
CA THR B 212 -8.10 11.30 12.81
C THR B 212 -9.28 10.81 11.98
N GLU B 213 -9.77 11.65 11.08
CA GLU B 213 -10.81 11.20 10.18
C GLU B 213 -10.28 10.27 9.08
N GLN B 214 -8.99 10.36 8.75
CA GLN B 214 -8.43 9.52 7.69
C GLN B 214 -8.09 8.12 8.18
N TYR B 215 -7.64 7.99 9.42
CA TYR B 215 -7.23 6.70 9.93
C TYR B 215 -7.30 6.74 11.44
N TRP B 216 -7.51 5.56 12.05
CA TRP B 216 -7.67 5.42 13.48
C TRP B 216 -7.06 4.10 13.92
N GLY B 217 -6.48 4.07 15.11
CA GLY B 217 -5.82 2.86 15.54
C GLY B 217 -5.42 2.86 17.01
N VAL B 218 -4.60 1.88 17.36
CA VAL B 218 -4.22 1.63 18.74
C VAL B 218 -2.77 1.17 18.76
N LEU B 219 -2.06 1.55 19.82
CA LEU B 219 -0.64 1.29 19.95
C LEU B 219 -0.41 0.43 21.18
N GLY B 220 0.37 -0.66 21.03
CA GLY B 220 0.65 -1.54 22.15
C GLY B 220 2.07 -2.04 22.13
N ALA B 222 5.98 -3.24 24.42
CA ALA B 222 6.62 -3.89 25.56
C ALA B 222 8.07 -3.44 25.63
N ALA B 223 8.61 -3.36 26.84
CA ALA B 223 10.01 -3.01 27.01
C ALA B 223 10.86 -3.98 26.21
N ALA B 224 11.78 -3.44 25.41
CA ALA B 224 12.51 -4.28 24.45
C ALA B 224 13.51 -5.20 25.13
#